data_8SGA
#
_entry.id   8SGA
#
_cell.length_a   42.140
_cell.length_b   73.080
_cell.length_c   132.450
_cell.angle_alpha   90.00
_cell.angle_beta   90.00
_cell.angle_gamma   90.00
#
_symmetry.space_group_name_H-M   'P 21 21 21'
#
loop_
_entity.id
_entity.type
_entity.pdbx_description
1 polymer '770E11 Fab light chain'
2 polymer '770E11 Fab heavy chain'
3 branched beta-D-mannopyranose-(1-4)-2-acetamido-2-deoxy-beta-D-glucopyranose-(1-4)-2-acetamido-2-deoxy-beta-D-glucopyranose
4 non-polymer GLYCEROL
5 water water
#
loop_
_entity_poly.entity_id
_entity_poly.type
_entity_poly.pdbx_seq_one_letter_code
_entity_poly.pdbx_strand_id
1 'polypeptide(L)'
;QSVLTGPPSVSAGPGQQVFISCSGNSSNIGNNYVSWYQQLPGTAPKLLIYDSNKRPSGIPDRFSGSKSGTSATLGITGLQ
TGDEADYYCGTWDSSLSAGVFGGGTKLTVLGQPKAAPSVTLFPPSSEELQANKATLVCLISDFYPGAVTVAWKADSSPVK
GVETTTPSKQSNNKYAASSYLSLTPEQWKSHRSYSCQVTHEGSTVEKTVAPT
;
L
2 'polypeptide(L)'
;QVQLLGSGPGLVKPSETLSLTCTVSGASISSPGYYWGFIRQSPGKGLEWIGSMVSGGTTYYNPSLKSRVTISMDMSNNQF
SLRLNSVTAADTALYYCARGSRQLVRRATIDYWGQGALFTVSPASTKGPSVFPLAPSSKSTSGGTAALGCLVKDYFPEPV
TVSWNSGALTSGVHTFPAVLQSSGLYSLSSVVTVPSSSLGTQTYICNVNHKPSNTKVDKKVEPKSC
;
H
#
loop_
_chem_comp.id
_chem_comp.type
_chem_comp.name
_chem_comp.formula
BMA D-saccharide, beta linking beta-D-mannopyranose 'C6 H12 O6'
GOL non-polymer GLYCEROL 'C3 H8 O3'
NAG D-saccharide, beta linking 2-acetamido-2-deoxy-beta-D-glucopyranose 'C8 H15 N O6'
#
# COMPACT_ATOMS: atom_id res chain seq x y z
N SER A 2 -9.73 -8.93 -17.82
CA SER A 2 -8.44 -8.81 -18.51
C SER A 2 -8.53 -9.17 -20.01
N VAL A 3 -8.02 -8.28 -20.85
CA VAL A 3 -8.02 -8.48 -22.30
C VAL A 3 -6.61 -8.66 -22.87
N LEU A 4 -5.57 -8.40 -22.07
CA LEU A 4 -4.18 -8.56 -22.47
C LEU A 4 -3.55 -9.71 -21.70
N THR A 5 -2.61 -10.39 -22.34
CA THR A 5 -1.97 -11.57 -21.76
C THR A 5 -0.48 -11.32 -21.56
N GLY A 6 0.05 -11.88 -20.48
CA GLY A 6 1.47 -11.75 -20.19
C GLY A 6 1.88 -12.62 -19.02
N PRO A 7 3.19 -12.80 -18.86
CA PRO A 7 3.69 -13.71 -17.81
C PRO A 7 3.33 -13.18 -16.43
N PRO A 8 2.84 -14.04 -15.54
CA PRO A 8 2.46 -13.55 -14.20
C PRO A 8 3.64 -13.16 -13.34
N SER A 9 4.86 -13.61 -13.68
CA SER A 9 6.02 -13.33 -12.84
C SER A 9 7.27 -13.64 -13.65
N VAL A 10 8.33 -12.90 -13.36
CA VAL A 10 9.58 -13.06 -14.12
C VAL A 10 10.78 -12.89 -13.19
N SER A 11 11.80 -13.74 -13.36
CA SER A 11 13.06 -13.58 -12.65
C SER A 11 14.29 -13.47 -13.52
N ALA A 12 15.32 -12.88 -12.94
CA ALA A 12 16.61 -12.73 -13.60
C ALA A 12 17.65 -12.33 -12.56
N GLY A 13 18.92 -12.40 -12.96
CA GLY A 13 20.03 -12.04 -12.11
C GLY A 13 20.36 -10.56 -12.21
N PRO A 14 21.13 -10.06 -11.25
CA PRO A 14 21.54 -8.66 -11.30
C PRO A 14 22.55 -8.44 -12.42
N GLY A 15 22.45 -7.29 -13.08
CA GLY A 15 23.27 -6.99 -14.23
C GLY A 15 22.75 -7.51 -15.55
N GLN A 16 21.80 -8.45 -15.53
CA GLN A 16 21.27 -9.02 -16.76
C GLN A 16 20.21 -8.10 -17.36
N GLN A 17 19.69 -8.49 -18.51
CA GLN A 17 18.59 -7.77 -19.15
C GLN A 17 17.37 -8.69 -19.21
N VAL A 18 16.21 -8.12 -18.95
CA VAL A 18 14.98 -8.90 -18.87
C VAL A 18 13.95 -8.31 -19.83
N PHE A 19 13.09 -9.18 -20.36
CA PHE A 19 11.98 -8.79 -21.22
C PHE A 19 10.67 -9.13 -20.51
N ILE A 20 9.68 -8.25 -20.67
CA ILE A 20 8.32 -8.47 -20.17
C ILE A 20 7.38 -8.20 -21.32
N SER A 21 6.66 -9.24 -21.75
CA SER A 21 5.81 -9.13 -22.92
C SER A 21 4.34 -9.01 -22.52
N CYS A 22 3.57 -8.34 -23.36
CA CYS A 22 2.13 -8.27 -23.26
C CYS A 22 1.54 -8.49 -24.63
N SER A 23 0.51 -9.32 -24.71
CA SER A 23 -0.05 -9.75 -25.98
C SER A 23 -1.53 -9.37 -26.05
N GLY A 24 -1.96 -8.94 -27.23
CA GLY A 24 -3.38 -8.58 -27.44
C GLY A 24 -3.81 -8.89 -28.85
N ASN A 25 -4.44 -7.95 -29.51
CA ASN A 25 -4.83 -8.13 -30.93
C ASN A 25 -5.01 -6.78 -31.61
N SER A 26 -5.46 -6.79 -32.87
CA SER A 26 -5.69 -5.58 -33.67
C SER A 26 -6.62 -4.57 -32.95
N SER A 27 -7.48 -5.01 -32.02
CA SER A 27 -8.35 -4.02 -31.40
C SER A 27 -7.67 -3.23 -30.28
N ASN A 28 -6.54 -3.69 -29.78
CA ASN A 28 -5.84 -2.88 -28.79
C ASN A 28 -4.39 -2.67 -29.19
N ILE A 29 -3.49 -3.56 -28.77
CA ILE A 29 -2.06 -3.37 -28.97
C ILE A 29 -1.71 -3.23 -30.45
N GLY A 30 -2.40 -3.97 -31.31
CA GLY A 30 -2.06 -3.93 -32.73
C GLY A 30 -2.16 -2.54 -33.33
N ASN A 31 -3.14 -1.75 -32.91
CA ASN A 31 -3.42 -0.50 -33.61
C ASN A 31 -3.40 0.72 -32.69
N ASN A 32 -2.92 0.57 -31.46
CA ASN A 32 -2.94 1.66 -30.51
C ASN A 32 -1.59 1.76 -29.81
N TYR A 33 -1.41 2.83 -29.04
CA TYR A 33 -0.15 3.06 -28.36
C TYR A 33 -0.12 2.32 -27.04
N VAL A 34 1.08 1.90 -26.63
CA VAL A 34 1.22 1.11 -25.41
C VAL A 34 2.03 1.89 -24.39
N SER A 35 1.65 1.77 -23.13
CA SER A 35 2.36 2.38 -22.02
C SER A 35 2.75 1.31 -21.02
N TRP A 36 3.77 1.61 -20.21
CA TRP A 36 4.23 0.71 -19.17
C TRP A 36 4.39 1.46 -17.87
N TYR A 37 3.99 0.80 -16.77
CA TYR A 37 3.98 1.34 -15.41
C TYR A 37 4.71 0.40 -14.45
N GLN A 38 5.41 1.01 -13.49
CA GLN A 38 6.06 0.31 -12.39
C GLN A 38 5.33 0.61 -11.08
N GLN A 39 5.09 -0.42 -10.28
CA GLN A 39 4.48 -0.25 -8.97
C GLN A 39 5.34 -0.93 -7.93
N LEU A 40 5.97 -0.11 -7.07
CA LEU A 40 6.69 -0.58 -5.89
C LEU A 40 5.71 -0.90 -4.77
N PRO A 41 6.12 -1.72 -3.79
CA PRO A 41 5.18 -2.08 -2.70
C PRO A 41 4.61 -0.83 -2.04
N GLY A 42 3.30 -0.86 -1.82
CA GLY A 42 2.67 0.20 -1.05
C GLY A 42 2.65 1.58 -1.67
N THR A 43 2.83 1.69 -2.99
CA THR A 43 2.82 2.99 -3.64
C THR A 43 1.99 2.94 -4.92
N ALA A 44 1.57 4.11 -5.39
CA ALA A 44 0.86 4.23 -6.67
C ALA A 44 1.79 3.89 -7.84
N PRO A 45 1.22 3.44 -8.96
CA PRO A 45 2.05 3.17 -10.14
C PRO A 45 2.76 4.42 -10.63
N LYS A 46 3.82 4.21 -11.41
CA LYS A 46 4.66 5.25 -11.98
C LYS A 46 4.88 4.94 -13.45
N LEU A 47 4.64 5.93 -14.30
CA LEU A 47 4.79 5.75 -15.75
C LEU A 47 6.25 5.56 -16.17
N LEU A 48 6.50 4.54 -16.98
CA LEU A 48 7.85 4.23 -17.44
C LEU A 48 8.02 4.45 -18.93
N ILE A 49 6.99 4.13 -19.70
CA ILE A 49 7.06 4.20 -21.15
C ILE A 49 5.69 4.67 -21.63
N TYR A 50 5.66 5.59 -22.59
CA TYR A 50 4.42 5.97 -23.25
C TYR A 50 4.64 6.04 -24.75
N ASP A 51 3.55 6.07 -25.51
CA ASP A 51 3.62 6.00 -26.97
C ASP A 51 4.53 4.85 -27.41
N SER A 52 4.51 3.76 -26.64
CA SER A 52 5.13 2.48 -26.98
C SER A 52 6.65 2.44 -26.85
N ASN A 53 7.33 3.57 -27.04
CA ASN A 53 8.79 3.51 -26.93
C ASN A 53 9.42 4.77 -26.33
N LYS A 54 8.65 5.74 -25.84
CA LYS A 54 9.24 6.99 -25.33
C LYS A 54 9.33 6.98 -23.81
N ARG A 55 10.42 7.57 -23.28
CA ARG A 55 10.60 7.65 -21.85
C ARG A 55 10.31 9.04 -21.33
N PRO A 56 9.48 9.19 -20.29
CA PRO A 56 9.32 10.49 -19.65
C PRO A 56 10.64 10.90 -19.00
N SER A 57 10.74 12.17 -18.64
CA SER A 57 11.96 12.68 -18.02
C SER A 57 12.21 11.99 -16.68
N GLY A 58 13.44 11.55 -16.45
CA GLY A 58 13.79 10.94 -15.20
C GLY A 58 13.78 9.42 -15.21
N ILE A 59 13.31 8.81 -16.30
CA ILE A 59 13.32 7.36 -16.45
C ILE A 59 14.65 6.95 -17.07
N PRO A 60 15.47 6.16 -16.37
CA PRO A 60 16.79 5.82 -16.90
C PRO A 60 16.73 5.07 -18.22
N ASP A 61 17.81 5.19 -18.98
CA ASP A 61 17.92 4.59 -20.31
C ASP A 61 17.90 3.06 -20.28
N ARG A 62 18.02 2.44 -19.09
CA ARG A 62 17.93 0.99 -18.99
C ARG A 62 16.56 0.47 -19.42
N PHE A 63 15.50 1.27 -19.20
CA PHE A 63 14.15 0.87 -19.56
C PHE A 63 13.86 1.24 -21.00
N SER A 64 13.39 0.29 -21.78
CA SER A 64 13.02 0.55 -23.16
C SER A 64 11.69 -0.10 -23.46
N GLY A 65 11.05 0.34 -24.53
CA GLY A 65 9.78 -0.21 -24.93
C GLY A 65 9.77 -0.46 -26.42
N SER A 66 9.00 -1.47 -26.81
CA SER A 66 8.91 -1.84 -28.22
C SER A 66 7.55 -2.47 -28.48
N LYS A 67 7.16 -2.48 -29.75
CA LYS A 67 5.90 -3.06 -30.17
C LYS A 67 6.11 -3.77 -31.48
N SER A 68 5.73 -5.04 -31.54
CA SER A 68 5.75 -5.77 -32.81
C SER A 68 4.42 -6.48 -32.97
N GLY A 69 3.75 -6.18 -34.06
CA GLY A 69 2.49 -6.85 -34.37
C GLY A 69 1.46 -6.51 -33.32
N THR A 70 1.01 -7.53 -32.59
CA THR A 70 0.02 -7.38 -31.55
C THR A 70 0.60 -7.65 -30.16
N SER A 71 1.91 -7.56 -30.02
CA SER A 71 2.54 -7.67 -28.72
C SER A 71 3.49 -6.50 -28.48
N ALA A 72 3.61 -6.11 -27.22
CA ALA A 72 4.50 -5.05 -26.81
C ALA A 72 5.44 -5.59 -25.75
N THR A 73 6.61 -4.98 -25.65
CA THR A 73 7.68 -5.51 -24.79
C THR A 73 8.34 -4.40 -24.00
N LEU A 74 8.41 -4.57 -22.68
CA LEU A 74 9.21 -3.74 -21.80
C LEU A 74 10.56 -4.44 -21.57
N GLY A 75 11.64 -3.74 -21.90
CA GLY A 75 12.97 -4.26 -21.70
C GLY A 75 13.62 -3.51 -20.55
N ILE A 76 14.37 -4.24 -19.73
CA ILE A 76 15.14 -3.64 -18.65
C ILE A 76 16.56 -4.19 -18.76
N THR A 77 17.48 -3.37 -19.25
CA THR A 77 18.86 -3.79 -19.39
C THR A 77 19.64 -3.43 -18.13
N GLY A 78 20.55 -4.32 -17.74
CA GLY A 78 21.31 -4.16 -16.51
C GLY A 78 20.43 -4.10 -15.28
N LEU A 79 19.81 -5.23 -14.94
CA LEU A 79 18.86 -5.29 -13.83
C LEU A 79 19.49 -4.82 -12.53
N GLN A 80 18.69 -4.16 -11.70
CA GLN A 80 19.12 -3.65 -10.42
C GLN A 80 18.21 -4.19 -9.32
N THR A 81 18.73 -4.22 -8.10
CA THR A 81 17.92 -4.70 -6.99
C THR A 81 16.66 -3.86 -6.80
N GLY A 82 16.74 -2.56 -7.11
CA GLY A 82 15.60 -1.67 -7.04
C GLY A 82 14.53 -1.88 -8.10
N ASP A 83 14.85 -2.58 -9.18
CA ASP A 83 13.87 -2.83 -10.24
C ASP A 83 12.79 -3.82 -9.80
N GLU A 84 13.02 -4.54 -8.70
CA GLU A 84 12.09 -5.48 -8.11
C GLU A 84 10.75 -4.80 -7.88
N ALA A 85 9.70 -5.25 -8.60
CA ALA A 85 8.46 -4.47 -8.59
C ALA A 85 7.39 -5.17 -9.40
N ASP A 86 6.17 -4.63 -9.43
CA ASP A 86 5.15 -5.13 -10.35
C ASP A 86 5.06 -4.20 -11.56
N TYR A 87 4.95 -4.79 -12.75
CA TYR A 87 4.99 -4.05 -14.01
C TYR A 87 3.71 -4.30 -14.77
N TYR A 88 3.13 -3.23 -15.32
CA TYR A 88 1.83 -3.28 -15.97
C TYR A 88 1.90 -2.65 -17.33
N CYS A 89 1.34 -3.32 -18.32
CA CYS A 89 1.17 -2.78 -19.65
CA CYS A 89 1.19 -2.72 -19.63
C CYS A 89 -0.23 -2.18 -19.76
N GLY A 90 -0.36 -1.11 -20.53
CA GLY A 90 -1.65 -0.46 -20.70
C GLY A 90 -1.80 0.02 -22.12
N THR A 91 -3.04 0.02 -22.60
CA THR A 91 -3.27 0.57 -23.93
C THR A 91 -4.72 1.05 -24.04
N TRP A 92 -5.12 1.37 -25.26
CA TRP A 92 -6.49 1.72 -25.60
C TRP A 92 -7.07 0.59 -26.43
N ASP A 93 -8.30 0.19 -26.12
CA ASP A 93 -9.02 -0.81 -26.88
C ASP A 93 -10.12 -0.16 -27.69
N SER A 94 -10.01 -0.30 -29.01
CA SER A 94 -10.95 0.24 -29.97
C SER A 94 -12.31 -0.42 -29.88
N SER A 95 -12.37 -1.69 -29.53
CA SER A 95 -13.65 -2.38 -29.38
C SER A 95 -14.40 -1.87 -28.17
N LEU A 96 -13.71 -1.74 -27.05
CA LEU A 96 -14.27 -1.29 -25.80
C LEU A 96 -14.38 0.22 -25.69
N SER A 97 -13.72 0.96 -26.58
CA SER A 97 -13.50 2.41 -26.47
C SER A 97 -13.11 2.73 -25.02
N ALA A 98 -12.05 2.06 -24.58
CA ALA A 98 -11.68 2.24 -23.18
C ALA A 98 -10.22 1.88 -23.01
N GLY A 99 -9.60 2.49 -22.01
CA GLY A 99 -8.27 2.07 -21.63
C GLY A 99 -8.33 0.69 -20.95
N VAL A 100 -7.30 -0.12 -21.19
CA VAL A 100 -7.23 -1.45 -20.62
C VAL A 100 -5.83 -1.68 -20.07
N PHE A 101 -5.73 -2.54 -19.06
CA PHE A 101 -4.47 -2.94 -18.45
C PHE A 101 -4.25 -4.43 -18.60
N GLY A 102 -2.98 -4.82 -18.66
CA GLY A 102 -2.62 -6.22 -18.53
C GLY A 102 -2.70 -6.65 -17.07
N GLY A 103 -2.58 -7.96 -16.86
CA GLY A 103 -2.70 -8.49 -15.51
C GLY A 103 -1.55 -8.15 -14.59
N GLY A 104 -0.41 -7.78 -15.13
CA GLY A 104 0.75 -7.42 -14.32
C GLY A 104 1.76 -8.56 -14.23
N THR A 105 3.04 -8.19 -14.07
CA THR A 105 4.15 -9.12 -13.95
C THR A 105 5.01 -8.70 -12.77
N LYS A 106 5.14 -9.58 -11.78
CA LYS A 106 6.08 -9.32 -10.69
C LYS A 106 7.50 -9.68 -11.14
N LEU A 107 8.46 -8.84 -10.76
CA LEU A 107 9.86 -8.98 -11.15
C LEU A 107 10.69 -9.08 -9.88
N THR A 108 11.35 -10.23 -9.73
CA THR A 108 12.21 -10.53 -8.61
C THR A 108 13.64 -10.70 -9.12
N VAL A 109 14.59 -10.18 -8.38
CA VAL A 109 15.99 -10.21 -8.78
C VAL A 109 16.69 -11.34 -8.04
N LEU A 110 17.30 -12.25 -8.79
CA LEU A 110 17.88 -13.46 -8.22
C LEU A 110 19.22 -13.16 -7.55
N GLY A 111 19.55 -13.97 -6.55
CA GLY A 111 20.80 -13.83 -5.84
C GLY A 111 20.78 -12.91 -4.64
N GLN A 112 19.65 -12.76 -3.96
CA GLN A 112 19.59 -11.90 -2.78
C GLN A 112 20.13 -12.67 -1.57
N PRO A 113 21.02 -12.09 -0.78
CA PRO A 113 21.59 -12.82 0.35
C PRO A 113 20.61 -12.95 1.50
N LYS A 114 20.86 -13.97 2.32
CA LYS A 114 20.07 -14.17 3.52
C LYS A 114 20.27 -13.01 4.49
N ALA A 115 19.20 -12.65 5.20
CA ALA A 115 19.26 -11.62 6.22
C ALA A 115 18.44 -12.10 7.39
N ALA A 116 19.06 -12.14 8.57
CA ALA A 116 18.40 -12.54 9.79
C ALA A 116 17.40 -11.46 10.21
N PRO A 117 16.28 -11.84 10.83
CA PRO A 117 15.29 -10.86 11.30
C PRO A 117 15.78 -10.09 12.52
N SER A 118 15.57 -8.77 12.46
CA SER A 118 15.64 -7.89 13.62
C SER A 118 14.32 -7.95 14.40
N VAL A 119 14.38 -8.33 15.68
CA VAL A 119 13.20 -8.61 16.51
C VAL A 119 13.17 -7.65 17.67
N THR A 120 12.05 -6.96 17.86
CA THR A 120 11.84 -6.11 19.01
C THR A 120 10.51 -6.49 19.67
N LEU A 121 10.53 -6.69 20.98
CA LEU A 121 9.35 -7.12 21.72
C LEU A 121 8.99 -6.06 22.77
N PHE A 122 7.75 -5.59 22.76
CA PHE A 122 7.28 -4.58 23.70
C PHE A 122 6.32 -5.19 24.68
N PRO A 123 6.51 -4.89 25.97
CA PRO A 123 5.52 -5.27 27.00
C PRO A 123 4.30 -4.36 26.94
N PRO A 124 3.24 -4.70 27.66
CA PRO A 124 2.07 -3.81 27.70
C PRO A 124 2.42 -2.46 28.32
N SER A 125 1.82 -1.41 27.81
CA SER A 125 2.07 -0.13 28.46
C SER A 125 1.19 0.00 29.71
N SER A 126 1.61 0.88 30.61
CA SER A 126 0.83 1.11 31.82
C SER A 126 -0.56 1.66 31.51
N GLU A 127 -0.69 2.50 30.47
CA GLU A 127 -2.01 3.03 30.13
C GLU A 127 -2.95 1.91 29.65
N GLU A 128 -2.42 0.95 28.88
CA GLU A 128 -3.27 -0.14 28.44
C GLU A 128 -3.69 -0.99 29.63
N LEU A 129 -2.75 -1.28 30.54
CA LEU A 129 -3.09 -2.00 31.76
C LEU A 129 -4.16 -1.25 32.54
N GLN A 130 -4.11 0.08 32.53
CA GLN A 130 -5.11 0.85 33.24
C GLN A 130 -6.46 0.77 32.54
N ALA A 131 -6.48 0.50 31.24
CA ALA A 131 -7.72 0.15 30.56
C ALA A 131 -8.10 -1.32 30.71
N ASN A 132 -7.40 -2.07 31.58
CA ASN A 132 -7.71 -3.47 31.89
C ASN A 132 -7.46 -4.39 30.71
N LYS A 133 -6.43 -4.09 29.93
CA LYS A 133 -5.98 -4.97 28.84
C LYS A 133 -4.46 -5.06 28.86
N ALA A 134 -3.95 -6.06 28.14
CA ALA A 134 -2.50 -6.20 28.01
C ALA A 134 -2.20 -6.76 26.62
N THR A 135 -1.31 -6.11 25.90
CA THR A 135 -0.89 -6.64 24.60
C THR A 135 0.63 -6.67 24.56
N LEU A 136 1.18 -7.81 24.16
CA LEU A 136 2.59 -7.91 23.89
C LEU A 136 2.76 -7.80 22.38
N VAL A 137 3.76 -7.02 21.97
CA VAL A 137 3.93 -6.63 20.58
C VAL A 137 5.31 -7.08 20.13
N CYS A 138 5.36 -8.00 19.14
CA CYS A 138 6.59 -8.57 18.60
C CYS A 138 6.71 -8.06 17.17
N LEU A 139 7.73 -7.24 16.90
CA LEU A 139 7.94 -6.63 15.59
C LEU A 139 9.20 -7.22 14.95
N ILE A 140 9.08 -7.65 13.68
CA ILE A 140 10.07 -8.47 13.02
C ILE A 140 10.38 -7.80 11.69
N SER A 141 11.64 -7.43 11.47
CA SER A 141 11.91 -6.67 10.26
C SER A 141 13.22 -7.12 9.63
N ASP A 142 13.36 -6.80 8.34
CA ASP A 142 14.62 -6.90 7.59
C ASP A 142 15.13 -8.34 7.49
N PHE A 143 14.22 -9.28 7.25
CA PHE A 143 14.62 -10.66 7.03
C PHE A 143 14.40 -11.02 5.57
N TYR A 144 15.22 -11.95 5.08
CA TYR A 144 15.10 -12.47 3.76
C TYR A 144 15.70 -13.88 3.77
N PRO A 145 15.06 -14.86 3.12
CA PRO A 145 13.80 -14.80 2.36
C PRO A 145 12.58 -14.54 3.25
N GLY A 146 11.45 -14.29 2.63
CA GLY A 146 10.29 -13.84 3.37
C GLY A 146 9.42 -14.93 3.94
N ALA A 147 9.99 -15.83 4.74
CA ALA A 147 9.24 -16.89 5.42
C ALA A 147 9.74 -16.98 6.85
N VAL A 148 8.83 -16.83 7.80
CA VAL A 148 9.17 -16.83 9.22
C VAL A 148 8.04 -17.55 9.95
N THR A 149 8.38 -18.13 11.11
CA THR A 149 7.36 -18.68 12.00
C THR A 149 7.52 -18.05 13.38
N VAL A 150 6.39 -17.73 14.03
CA VAL A 150 6.41 -17.05 15.30
C VAL A 150 5.70 -17.91 16.33
N ALA A 151 6.35 -18.14 17.46
CA ALA A 151 5.71 -18.82 18.56
C ALA A 151 5.87 -17.99 19.82
N TRP A 152 4.98 -18.21 20.76
CA TRP A 152 5.00 -17.45 22.01
C TRP A 152 5.13 -18.44 23.15
N LYS A 153 5.76 -17.99 24.23
CA LYS A 153 5.92 -18.80 25.42
C LYS A 153 5.54 -17.97 26.63
N ALA A 154 4.91 -18.60 27.61
CA ALA A 154 4.84 -18.09 28.97
C ALA A 154 5.59 -19.09 29.83
N ASP A 155 6.90 -19.20 29.62
CA ASP A 155 7.73 -20.30 30.14
C ASP A 155 7.36 -21.62 29.44
N SER A 156 6.08 -21.76 29.10
CA SER A 156 5.59 -22.92 28.31
C SER A 156 4.93 -22.32 27.07
N SER A 157 4.23 -23.12 26.27
CA SER A 157 3.73 -22.56 24.97
C SER A 157 2.28 -22.09 25.05
N PRO A 158 1.99 -20.79 24.79
CA PRO A 158 0.62 -20.29 24.66
C PRO A 158 0.28 -20.10 23.17
N VAL A 159 -0.90 -20.57 22.74
CA VAL A 159 -1.35 -20.34 21.34
C VAL A 159 -2.62 -19.48 21.30
N LYS A 160 -3.41 -19.46 22.38
CA LYS A 160 -4.57 -18.59 22.37
C LYS A 160 -4.14 -17.12 22.53
N GLY A 161 -4.91 -16.23 21.90
CA GLY A 161 -4.61 -14.82 21.91
C GLY A 161 -3.51 -14.37 20.99
N VAL A 162 -2.98 -15.24 20.13
CA VAL A 162 -1.89 -14.89 19.22
C VAL A 162 -2.49 -14.52 17.87
N GLU A 163 -2.10 -13.36 17.35
CA GLU A 163 -2.43 -12.96 15.99
C GLU A 163 -1.16 -12.45 15.31
N THR A 164 -0.81 -13.06 14.20
CA THR A 164 0.44 -12.83 13.49
C THR A 164 0.11 -12.45 12.04
N THR A 165 0.88 -11.54 11.47
CA THR A 165 0.64 -11.16 10.07
C THR A 165 1.43 -12.03 9.10
N THR A 166 0.95 -12.11 7.87
CA THR A 166 1.78 -12.63 6.80
C THR A 166 2.90 -11.63 6.49
N PRO A 167 4.06 -12.11 6.05
CA PRO A 167 5.18 -11.20 5.81
C PRO A 167 4.94 -10.31 4.60
N SER A 168 5.37 -9.06 4.70
CA SER A 168 5.15 -8.13 3.61
C SER A 168 6.45 -7.45 3.22
N LYS A 169 6.64 -7.28 1.92
CA LYS A 169 7.90 -6.75 1.41
C LYS A 169 8.11 -5.29 1.81
N GLN A 170 9.34 -4.99 2.21
CA GLN A 170 9.76 -3.65 2.60
C GLN A 170 10.33 -2.88 1.41
N SER A 171 10.68 -1.62 1.67
CA SER A 171 11.22 -0.79 0.60
C SER A 171 12.62 -1.25 0.18
N ASN A 172 13.44 -1.75 1.11
CA ASN A 172 14.78 -2.24 0.77
C ASN A 172 14.76 -3.68 0.25
N ASN A 173 13.59 -4.23 -0.06
CA ASN A 173 13.37 -5.54 -0.66
C ASN A 173 13.47 -6.68 0.33
N LYS A 174 13.55 -6.37 1.62
CA LYS A 174 13.43 -7.38 2.67
C LYS A 174 11.98 -7.46 3.13
N TYR A 175 11.72 -8.17 4.21
CA TYR A 175 10.35 -8.43 4.64
C TYR A 175 10.18 -8.01 6.08
N ALA A 176 8.92 -7.85 6.46
CA ALA A 176 8.54 -7.50 7.82
C ALA A 176 7.26 -8.24 8.18
N ALA A 177 7.10 -8.47 9.48
CA ALA A 177 5.90 -9.12 9.98
C ALA A 177 5.77 -8.72 11.44
N SER A 178 4.59 -8.95 11.99
CA SER A 178 4.38 -8.68 13.41
C SER A 178 3.46 -9.74 13.99
N SER A 179 3.58 -9.90 15.30
CA SER A 179 2.80 -10.83 16.08
C SER A 179 2.37 -10.13 17.36
N TYR A 180 1.12 -10.33 17.73
CA TYR A 180 0.56 -9.79 18.95
C TYR A 180 0.06 -10.92 19.84
N LEU A 181 0.23 -10.74 21.14
CA LEU A 181 -0.29 -11.67 22.14
C LEU A 181 -1.20 -10.90 23.08
N SER A 182 -2.49 -11.22 23.05
CA SER A 182 -3.49 -10.54 23.89
C SER A 182 -3.62 -11.28 25.22
N LEU A 183 -3.33 -10.57 26.32
CA LEU A 183 -3.47 -11.10 27.66
C LEU A 183 -4.39 -10.21 28.49
N THR A 184 -4.91 -10.79 29.57
CA THR A 184 -5.48 -10.01 30.64
C THR A 184 -4.35 -9.48 31.52
N PRO A 185 -4.58 -8.35 32.20
CA PRO A 185 -3.58 -7.88 33.19
C PRO A 185 -3.20 -8.95 34.20
N GLU A 186 -4.18 -9.74 34.67
CA GLU A 186 -3.88 -10.81 35.61
C GLU A 186 -2.99 -11.87 34.99
N GLN A 187 -3.28 -12.27 33.74
CA GLN A 187 -2.40 -13.23 33.07
C GLN A 187 -0.98 -12.67 32.91
N TRP A 188 -0.86 -11.40 32.53
CA TRP A 188 0.47 -10.81 32.36
C TRP A 188 1.24 -10.80 33.68
N LYS A 189 0.59 -10.39 34.77
CA LYS A 189 1.31 -10.35 36.04
C LYS A 189 1.50 -11.73 36.66
N SER A 190 0.78 -12.76 36.19
CA SER A 190 0.86 -14.04 36.86
C SER A 190 2.05 -14.89 36.43
N HIS A 191 2.78 -14.49 35.40
CA HIS A 191 3.89 -15.31 34.92
C HIS A 191 5.21 -14.57 35.09
N ARG A 192 6.31 -15.33 35.16
CA ARG A 192 7.59 -14.72 35.38
C ARG A 192 8.06 -13.95 34.16
N SER A 193 7.74 -14.46 32.98
CA SER A 193 8.19 -13.82 31.75
C SER A 193 7.35 -14.35 30.60
N TYR A 194 7.34 -13.58 29.52
CA TYR A 194 6.78 -13.98 28.24
C TYR A 194 7.84 -13.81 27.17
N SER A 195 7.80 -14.68 26.17
CA SER A 195 8.79 -14.65 25.11
C SER A 195 8.10 -14.75 23.76
N CYS A 196 8.69 -14.04 22.78
CA CYS A 196 8.38 -14.18 21.36
C CYS A 196 9.58 -14.85 20.68
N GLN A 197 9.34 -15.95 19.96
CA GLN A 197 10.37 -16.75 19.31
C GLN A 197 10.13 -16.71 17.82
N VAL A 198 11.13 -16.25 17.08
CA VAL A 198 11.01 -16.06 15.64
C VAL A 198 11.97 -17.04 14.97
N THR A 199 11.43 -17.94 14.16
CA THR A 199 12.23 -18.94 13.45
C THR A 199 12.36 -18.54 12.00
N HIS A 200 13.60 -18.52 11.53
CA HIS A 200 13.96 -18.10 10.18
C HIS A 200 15.12 -18.97 9.72
N GLU A 201 14.89 -19.77 8.70
CA GLU A 201 15.94 -20.49 7.98
C GLU A 201 16.90 -21.23 8.92
N GLY A 202 16.35 -22.03 9.84
CA GLY A 202 17.22 -22.86 10.65
C GLY A 202 17.85 -22.19 11.85
N SER A 203 17.44 -20.96 12.18
CA SER A 203 17.87 -20.30 13.40
C SER A 203 16.67 -19.62 14.04
N THR A 204 16.66 -19.54 15.36
CA THR A 204 15.57 -18.88 16.07
C THR A 204 16.13 -17.74 16.92
N VAL A 205 15.39 -16.64 16.97
CA VAL A 205 15.71 -15.51 17.84
C VAL A 205 14.55 -15.37 18.82
N GLU A 206 14.84 -15.42 20.12
CA GLU A 206 13.83 -15.27 21.15
C GLU A 206 14.08 -14.00 21.95
N LYS A 207 13.04 -13.20 22.12
CA LYS A 207 13.10 -12.02 22.96
C LYS A 207 12.12 -12.22 24.10
N THR A 208 12.50 -11.78 25.29
CA THR A 208 11.74 -12.01 26.51
C THR A 208 11.46 -10.68 27.20
N VAL A 209 10.26 -10.55 27.78
CA VAL A 209 9.93 -9.43 28.67
C VAL A 209 9.31 -9.97 29.95
N ALA A 210 9.29 -9.12 30.97
CA ALA A 210 8.76 -9.53 32.26
C ALA A 210 8.03 -8.37 32.93
N PRO A 211 6.95 -8.64 33.71
CA PRO A 211 6.23 -7.58 34.43
C PRO A 211 7.09 -6.91 35.51
N THR A 212 8.08 -7.63 36.03
CA THR A 212 8.91 -7.10 37.14
C THR A 212 10.05 -6.22 36.59
N GLN B 1 3.67 20.89 -10.21
CA GLN B 1 2.86 21.67 -9.29
C GLN B 1 1.40 21.41 -9.56
N VAL B 2 1.13 20.57 -10.55
CA VAL B 2 -0.23 20.06 -10.77
C VAL B 2 -0.45 18.90 -9.82
N GLN B 3 -1.42 19.04 -8.92
CA GLN B 3 -1.61 18.08 -7.84
C GLN B 3 -3.04 17.59 -7.83
N LEU B 4 -3.23 16.36 -7.36
CA LEU B 4 -4.54 15.77 -7.18
C LEU B 4 -4.68 15.33 -5.73
N LEU B 5 -5.81 15.65 -5.12
CA LEU B 5 -6.05 15.28 -3.73
C LEU B 5 -7.46 14.69 -3.66
N GLY B 6 -7.56 13.43 -3.24
CA GLY B 6 -8.86 12.80 -3.14
C GLY B 6 -9.53 13.04 -1.79
N SER B 7 -10.81 12.63 -1.72
CA SER B 7 -11.60 12.83 -0.52
C SER B 7 -11.38 11.71 0.50
N GLY B 8 -10.38 10.88 0.27
CA GLY B 8 -9.79 10.07 1.32
C GLY B 8 -10.45 8.73 1.36
N PRO B 9 -9.86 7.78 2.12
CA PRO B 9 -10.43 6.43 2.19
C PRO B 9 -11.74 6.44 2.93
N GLY B 10 -12.52 5.39 2.70
CA GLY B 10 -13.83 5.39 3.31
C GLY B 10 -14.49 4.03 3.31
N LEU B 11 -15.49 3.92 4.20
CA LEU B 11 -16.39 2.79 4.28
C LEU B 11 -17.62 3.09 3.45
N VAL B 12 -18.11 2.10 2.71
CA VAL B 12 -19.35 2.22 1.96
C VAL B 12 -20.18 0.99 2.29
N LYS B 13 -21.45 1.19 2.69
CA LYS B 13 -22.28 0.01 2.96
C LYS B 13 -22.67 -0.69 1.66
N PRO B 14 -22.81 -2.02 1.68
CA PRO B 14 -23.35 -2.71 0.49
C PRO B 14 -24.68 -2.14 0.05
N SER B 15 -24.84 -2.04 -1.28
CA SER B 15 -25.97 -1.52 -2.03
C SER B 15 -25.96 0.02 -2.09
N GLU B 16 -25.11 0.70 -1.34
CA GLU B 16 -25.09 2.15 -1.37
C GLU B 16 -24.11 2.62 -2.45
N THR B 17 -23.87 3.93 -2.52
CA THR B 17 -23.14 4.54 -3.61
C THR B 17 -21.77 4.95 -3.08
N LEU B 18 -20.72 4.49 -3.76
CA LEU B 18 -19.34 4.88 -3.51
C LEU B 18 -19.10 6.25 -4.16
N SER B 19 -18.74 7.27 -3.37
CA SER B 19 -18.51 8.59 -3.94
C SER B 19 -17.09 9.06 -3.63
N LEU B 20 -16.34 9.39 -4.68
CA LEU B 20 -14.94 9.83 -4.55
C LEU B 20 -14.79 11.16 -5.29
N THR B 21 -14.25 12.18 -4.62
CA THR B 21 -14.04 13.48 -5.26
C THR B 21 -12.55 13.80 -5.26
N CYS B 22 -12.02 14.20 -6.41
CA CYS B 22 -10.62 14.62 -6.55
C CYS B 22 -10.57 16.11 -6.86
N THR B 23 -9.74 16.84 -6.12
CA THR B 23 -9.52 18.25 -6.29
C THR B 23 -8.19 18.47 -7.00
N VAL B 24 -8.21 19.35 -8.00
CA VAL B 24 -7.04 19.63 -8.83
C VAL B 24 -6.42 20.94 -8.35
N SER B 25 -5.11 20.94 -8.22
CA SER B 25 -4.31 22.11 -7.90
C SER B 25 -3.31 22.33 -9.02
N GLY B 26 -2.90 23.58 -9.23
CA GLY B 26 -1.87 23.90 -10.20
C GLY B 26 -2.31 23.89 -11.66
N ALA B 27 -3.60 23.71 -11.92
CA ALA B 27 -4.15 23.75 -13.27
C ALA B 27 -5.67 23.81 -13.14
N SER B 28 -6.32 24.27 -14.20
CA SER B 28 -7.78 24.27 -14.26
C SER B 28 -8.25 22.97 -14.89
N ILE B 29 -9.30 22.38 -14.29
CA ILE B 29 -9.89 21.13 -14.78
C ILE B 29 -10.60 21.31 -16.12
N SER B 30 -11.00 22.54 -16.44
CA SER B 30 -11.63 22.87 -17.71
C SER B 30 -10.63 23.00 -18.86
N SER B 31 -9.34 23.08 -18.59
CA SER B 31 -8.39 23.39 -19.66
C SER B 31 -8.19 22.18 -20.58
N PRO B 32 -8.37 22.33 -21.89
CA PRO B 32 -7.99 21.23 -22.80
C PRO B 32 -6.50 20.96 -22.65
N GLY B 33 -6.12 19.72 -22.93
CA GLY B 33 -4.75 19.30 -22.86
C GLY B 33 -4.51 18.24 -21.80
N TYR B 34 -5.44 18.08 -20.86
CA TYR B 34 -5.41 16.99 -19.89
C TYR B 34 -6.70 16.19 -19.95
N TYR B 35 -6.62 14.92 -19.51
CA TYR B 35 -7.79 14.14 -19.23
C TYR B 35 -7.66 13.61 -17.81
N TRP B 36 -8.81 13.39 -17.18
CA TRP B 36 -8.88 13.11 -15.76
C TRP B 36 -9.76 11.89 -15.53
N GLY B 37 -9.28 10.93 -14.77
CA GLY B 37 -10.09 9.72 -14.62
C GLY B 37 -9.88 8.95 -13.35
N PHE B 38 -10.42 7.74 -13.34
CA PHE B 38 -10.37 6.87 -12.19
C PHE B 38 -9.94 5.48 -12.63
N ILE B 39 -9.12 4.88 -11.76
CA ILE B 39 -8.58 3.52 -11.84
C ILE B 39 -8.77 2.91 -10.46
N ARG B 40 -9.01 1.60 -10.38
CA ARG B 40 -9.04 0.95 -9.08
C ARG B 40 -8.20 -0.33 -9.09
N GLN B 41 -7.88 -0.81 -7.89
CA GLN B 41 -7.00 -1.96 -7.73
C GLN B 41 -7.40 -2.68 -6.45
N SER B 42 -7.82 -3.93 -6.55
CA SER B 42 -8.03 -4.71 -5.32
C SER B 42 -6.69 -4.97 -4.60
N PRO B 43 -6.70 -5.05 -3.27
CA PRO B 43 -5.46 -4.87 -2.48
C PRO B 43 -4.28 -5.76 -2.84
N GLY B 44 -4.51 -6.98 -3.32
CA GLY B 44 -3.40 -7.74 -3.82
C GLY B 44 -3.52 -8.11 -5.29
N LYS B 45 -4.21 -7.31 -6.09
CA LYS B 45 -4.54 -7.70 -7.46
C LYS B 45 -4.15 -6.58 -8.43
N GLY B 46 -4.72 -6.63 -9.64
CA GLY B 46 -4.32 -5.78 -10.74
C GLY B 46 -5.15 -4.50 -10.90
N LEU B 47 -4.75 -3.71 -11.89
CA LEU B 47 -5.34 -2.41 -12.15
C LEU B 47 -6.55 -2.55 -13.06
N GLU B 48 -7.60 -1.78 -12.76
CA GLU B 48 -8.81 -1.80 -13.58
C GLU B 48 -9.19 -0.37 -13.93
N TRP B 49 -9.26 -0.09 -15.23
CA TRP B 49 -9.63 1.23 -15.74
C TRP B 49 -11.13 1.43 -15.52
N ILE B 50 -11.49 2.57 -14.94
CA ILE B 50 -12.90 2.82 -14.67
C ILE B 50 -13.46 3.78 -15.72
N GLY B 51 -12.86 4.96 -15.81
CA GLY B 51 -13.29 5.89 -16.86
C GLY B 51 -12.45 7.15 -16.84
N SER B 52 -12.66 8.00 -17.84
CA SER B 52 -11.87 9.21 -17.95
C SER B 52 -12.62 10.27 -18.75
N MET B 53 -12.52 11.52 -18.29
CA MET B 53 -13.08 12.68 -18.97
C MET B 53 -11.99 13.50 -19.64
N VAL B 54 -12.14 13.74 -20.94
CA VAL B 54 -11.25 14.65 -21.64
C VAL B 54 -11.73 16.07 -21.36
N SER B 55 -10.85 16.90 -20.78
CA SER B 55 -11.22 18.29 -20.47
C SER B 55 -11.64 19.03 -21.74
N GLY B 56 -12.83 19.62 -21.70
CA GLY B 56 -13.41 20.29 -22.86
C GLY B 56 -14.17 19.37 -23.80
N GLY B 57 -14.16 18.06 -23.55
CA GLY B 57 -14.62 17.09 -24.52
C GLY B 57 -15.39 15.91 -23.92
N THR B 58 -15.02 14.70 -24.32
CA THR B 58 -15.81 13.48 -24.18
C THR B 58 -15.39 12.66 -22.98
N THR B 59 -16.36 11.93 -22.40
CA THR B 59 -16.13 11.02 -21.29
C THR B 59 -16.21 9.58 -21.77
N TYR B 60 -15.30 8.72 -21.30
CA TYR B 60 -15.25 7.34 -21.74
C TYR B 60 -15.25 6.41 -20.54
N TYR B 61 -15.90 5.24 -20.66
CA TYR B 61 -16.18 4.35 -19.55
C TYR B 61 -15.74 2.93 -19.89
N ASN B 62 -15.22 2.22 -18.89
CA ASN B 62 -15.09 0.77 -18.94
C ASN B 62 -16.48 0.19 -19.19
N PRO B 63 -16.69 -0.53 -20.29
CA PRO B 63 -18.04 -1.06 -20.58
C PRO B 63 -18.57 -2.01 -19.52
N SER B 64 -17.70 -2.58 -18.69
CA SER B 64 -18.12 -3.54 -17.67
C SER B 64 -18.71 -2.86 -16.44
N LEU B 65 -18.36 -1.60 -16.20
CA LEU B 65 -18.86 -0.79 -15.09
C LEU B 65 -19.81 0.31 -15.54
N LYS B 66 -19.88 0.62 -16.83
CA LYS B 66 -20.57 1.83 -17.26
C LYS B 66 -22.00 1.90 -16.70
N SER B 67 -22.68 0.75 -16.60
CA SER B 67 -24.08 0.78 -16.23
C SER B 67 -24.30 1.13 -14.76
N ARG B 68 -23.25 1.21 -13.93
CA ARG B 68 -23.44 1.70 -12.58
C ARG B 68 -22.44 2.78 -12.17
N VAL B 69 -21.80 3.47 -13.13
CA VAL B 69 -20.88 4.55 -12.78
C VAL B 69 -21.32 5.87 -13.42
N THR B 70 -21.04 6.96 -12.71
CA THR B 70 -21.19 8.32 -13.26
C THR B 70 -19.92 9.07 -12.94
N ILE B 71 -19.32 9.70 -13.97
CA ILE B 71 -18.14 10.54 -13.80
C ILE B 71 -18.52 11.95 -14.17
N SER B 72 -18.20 12.90 -13.29
CA SER B 72 -18.66 14.28 -13.48
C SER B 72 -17.54 15.27 -13.15
N MET B 73 -17.68 16.50 -13.62
CA MET B 73 -16.72 17.54 -13.33
C MET B 73 -17.44 18.75 -12.75
N ASP B 74 -16.78 19.43 -11.81
CA ASP B 74 -17.28 20.64 -11.17
C ASP B 74 -16.20 21.73 -11.35
N MET B 75 -16.31 22.51 -12.41
CA MET B 75 -15.18 23.40 -12.73
C MET B 75 -15.07 24.53 -11.73
N SER B 76 -16.20 25.02 -11.22
CA SER B 76 -16.22 26.06 -10.20
C SER B 76 -15.32 25.73 -9.02
N ASN B 77 -15.33 24.48 -8.60
CA ASN B 77 -14.51 24.03 -7.50
C ASN B 77 -13.27 23.28 -7.96
N ASN B 78 -13.02 23.23 -9.27
CA ASN B 78 -11.85 22.55 -9.84
C ASN B 78 -11.77 21.12 -9.34
N GLN B 79 -12.90 20.40 -9.45
CA GLN B 79 -12.98 19.02 -8.96
C GLN B 79 -13.58 18.12 -10.02
N PHE B 80 -13.32 16.81 -9.89
CA PHE B 80 -14.00 15.80 -10.68
C PHE B 80 -14.32 14.63 -9.77
N SER B 81 -15.40 13.90 -10.09
CA SER B 81 -15.98 12.96 -9.14
C SER B 81 -16.40 11.66 -9.80
N LEU B 82 -16.39 10.60 -8.98
CA LEU B 82 -16.83 9.27 -9.33
C LEU B 82 -17.99 8.85 -8.41
N ARG B 83 -19.08 8.38 -9.02
CA ARG B 83 -20.13 7.67 -8.31
C ARG B 83 -20.16 6.25 -8.83
N LEU B 84 -19.96 5.28 -7.93
CA LEU B 84 -20.11 3.85 -8.25
C LEU B 84 -21.29 3.33 -7.45
N ASN B 85 -22.35 2.97 -8.15
CA ASN B 85 -23.59 2.63 -7.46
C ASN B 85 -23.70 1.13 -7.16
N SER B 86 -24.62 0.83 -6.24
CA SER B 86 -25.02 -0.54 -5.91
C SER B 86 -23.81 -1.41 -5.56
N VAL B 87 -22.95 -0.91 -4.65
CA VAL B 87 -21.72 -1.62 -4.40
C VAL B 87 -21.95 -2.90 -3.61
N THR B 88 -21.03 -3.85 -3.79
CA THR B 88 -20.92 -5.09 -3.01
C THR B 88 -19.48 -5.22 -2.54
N ALA B 89 -19.20 -6.28 -1.77
CA ALA B 89 -17.87 -6.47 -1.23
C ALA B 89 -16.81 -6.62 -2.32
N ALA B 90 -17.21 -7.07 -3.52
CA ALA B 90 -16.27 -7.13 -4.64
C ALA B 90 -15.72 -5.76 -5.03
N ASP B 91 -16.35 -4.67 -4.59
CA ASP B 91 -15.91 -3.33 -4.96
C ASP B 91 -14.88 -2.75 -3.98
N THR B 92 -14.55 -3.47 -2.92
CA THR B 92 -13.47 -3.10 -2.03
C THR B 92 -12.16 -3.01 -2.82
N ALA B 93 -11.50 -1.85 -2.77
CA ALA B 93 -10.38 -1.61 -3.66
C ALA B 93 -9.71 -0.31 -3.26
N LEU B 94 -8.47 -0.17 -3.68
CA LEU B 94 -7.82 1.13 -3.78
C LEU B 94 -8.37 1.87 -5.00
N TYR B 95 -8.86 3.10 -4.81
CA TYR B 95 -9.34 3.92 -5.93
C TYR B 95 -8.37 5.08 -6.14
N TYR B 96 -7.91 5.26 -7.38
CA TYR B 96 -6.95 6.30 -7.76
C TYR B 96 -7.61 7.35 -8.65
N CYS B 97 -7.47 8.62 -8.25
CA CYS B 97 -7.58 9.75 -9.19
C CYS B 97 -6.37 9.75 -10.10
N ALA B 98 -6.60 10.03 -11.40
CA ALA B 98 -5.52 9.89 -12.37
C ALA B 98 -5.60 10.98 -13.42
N ARG B 99 -4.46 11.34 -14.01
CA ARG B 99 -4.38 12.38 -15.01
C ARG B 99 -3.55 11.88 -16.18
N GLY B 100 -3.93 12.29 -17.39
CA GLY B 100 -3.10 12.07 -18.55
C GLY B 100 -3.07 13.32 -19.40
N SER B 101 -2.11 13.35 -20.33
CA SER B 101 -1.83 14.53 -21.14
C SER B 101 -2.18 14.25 -22.59
N ARG B 102 -2.53 15.34 -23.29
CA ARG B 102 -2.77 15.22 -24.75
C ARG B 102 -4.00 14.37 -25.03
N GLN B 103 -3.96 13.57 -26.09
CA GLN B 103 -5.14 12.83 -26.51
C GLN B 103 -5.33 11.54 -25.73
N LEU B 104 -6.57 11.26 -25.34
CA LEU B 104 -6.86 10.03 -24.59
C LEU B 104 -7.05 8.85 -25.54
N VAL B 105 -7.83 9.07 -26.60
CA VAL B 105 -8.12 8.00 -27.54
C VAL B 105 -6.83 7.54 -28.22
N ARG B 106 -6.69 6.22 -28.36
CA ARG B 106 -5.56 5.50 -28.92
C ARG B 106 -4.35 5.52 -27.99
N ARG B 107 -4.44 6.18 -26.83
CA ARG B 107 -3.28 6.26 -25.94
C ARG B 107 -3.63 5.81 -24.54
N ALA B 108 -4.43 6.61 -23.83
CA ALA B 108 -4.93 6.28 -22.48
C ALA B 108 -3.82 6.23 -21.43
N THR B 109 -2.70 6.92 -21.69
CA THR B 109 -1.57 6.89 -20.78
C THR B 109 -1.78 7.80 -19.56
N ILE B 110 -1.46 7.29 -18.37
CA ILE B 110 -1.64 8.03 -17.13
C ILE B 110 -0.27 8.52 -16.69
N ASP B 111 -0.04 9.83 -16.74
CA ASP B 111 1.30 10.29 -16.42
C ASP B 111 1.38 10.79 -14.99
N TYR B 112 0.27 10.80 -14.28
CA TYR B 112 0.23 11.24 -12.88
C TYR B 112 -0.87 10.51 -12.14
N TRP B 113 -0.47 9.75 -11.12
CA TRP B 113 -1.38 8.98 -10.32
C TRP B 113 -1.51 9.67 -8.97
N GLY B 114 -2.74 9.84 -8.50
CA GLY B 114 -2.95 10.23 -7.11
C GLY B 114 -2.54 9.12 -6.17
N GLN B 115 -2.59 9.44 -4.87
CA GLN B 115 -2.05 8.56 -3.84
C GLN B 115 -2.76 7.21 -3.79
N GLY B 116 -4.04 7.16 -4.16
CA GLY B 116 -4.77 5.93 -3.95
C GLY B 116 -5.45 5.91 -2.60
N ALA B 117 -6.72 5.57 -2.55
CA ALA B 117 -7.49 5.60 -1.31
C ALA B 117 -8.32 4.33 -1.20
N LEU B 118 -8.19 3.63 -0.07
CA LEU B 118 -8.92 2.38 0.13
C LEU B 118 -10.39 2.68 0.43
N PHE B 119 -11.28 2.08 -0.36
CA PHE B 119 -12.70 2.08 -0.07
C PHE B 119 -13.07 0.63 0.27
N THR B 120 -13.65 0.45 1.45
CA THR B 120 -14.02 -0.85 1.99
C THR B 120 -15.54 -0.92 1.99
N VAL B 121 -16.09 -1.89 1.28
CA VAL B 121 -17.53 -2.08 1.23
C VAL B 121 -17.88 -3.14 2.26
N SER B 122 -18.58 -2.74 3.31
CA SER B 122 -18.87 -3.64 4.42
C SER B 122 -20.06 -3.09 5.16
N PRO B 123 -20.90 -3.96 5.75
CA PRO B 123 -21.99 -3.48 6.60
C PRO B 123 -21.59 -3.24 8.04
N ALA B 124 -20.35 -3.54 8.43
CA ALA B 124 -19.89 -3.23 9.78
C ALA B 124 -19.63 -1.73 9.91
N SER B 125 -19.90 -1.19 11.09
CA SER B 125 -19.78 0.25 11.32
C SER B 125 -18.32 0.63 11.54
N THR B 126 -18.01 1.91 11.32
CA THR B 126 -16.65 2.39 11.57
C THR B 126 -16.37 2.40 13.05
N LYS B 127 -15.10 2.26 13.39
CA LYS B 127 -14.64 2.33 14.78
C LYS B 127 -13.24 2.95 14.79
N GLY B 128 -13.07 4.05 15.49
CA GLY B 128 -11.78 4.69 15.56
C GLY B 128 -10.88 3.94 16.53
N PRO B 129 -9.57 4.14 16.41
CA PRO B 129 -8.63 3.32 17.18
C PRO B 129 -8.31 3.90 18.55
N SER B 130 -7.87 3.00 19.44
CA SER B 130 -7.24 3.41 20.70
C SER B 130 -5.71 3.33 20.53
N VAL B 131 -5.01 4.35 20.99
CA VAL B 131 -3.57 4.46 20.77
C VAL B 131 -2.89 4.36 22.13
N PHE B 132 -1.84 3.52 22.20
CA PHE B 132 -1.03 3.31 23.39
C PHE B 132 0.43 3.50 23.04
N PRO B 133 1.21 4.10 23.93
CA PRO B 133 2.64 4.29 23.65
C PRO B 133 3.43 3.02 23.93
N LEU B 134 4.47 2.84 23.14
CA LEU B 134 5.45 1.76 23.33
C LEU B 134 6.74 2.43 23.74
N ALA B 135 6.97 2.51 25.06
CA ALA B 135 8.07 3.29 25.56
C ALA B 135 9.41 2.65 25.19
N PRO B 136 10.44 3.44 24.92
CA PRO B 136 11.79 2.90 24.79
C PRO B 136 12.28 2.35 26.12
N SER B 137 13.21 1.40 26.02
CA SER B 137 13.92 0.84 27.17
C SER B 137 15.39 0.65 26.82
N GLY B 144 23.59 1.79 20.35
CA GLY B 144 23.43 3.22 20.53
C GLY B 144 22.06 3.77 20.17
N THR B 145 21.13 2.92 19.75
CA THR B 145 19.80 3.35 19.35
C THR B 145 18.74 2.76 20.27
N ALA B 146 17.57 3.37 20.22
CA ALA B 146 16.43 2.99 21.04
C ALA B 146 15.22 2.85 20.11
N ALA B 147 14.40 1.84 20.36
CA ALA B 147 13.16 1.69 19.61
C ALA B 147 12.00 2.16 20.47
N LEU B 148 11.17 3.06 19.94
CA LEU B 148 9.96 3.46 20.64
C LEU B 148 8.84 3.46 19.62
N GLY B 149 7.60 3.41 20.08
CA GLY B 149 6.53 3.33 19.12
C GLY B 149 5.18 3.70 19.67
N CYS B 150 4.17 3.43 18.87
CA CYS B 150 2.85 3.42 19.43
C CYS B 150 2.06 2.31 18.75
N LEU B 151 1.13 1.77 19.51
CA LEU B 151 0.28 0.66 19.13
C LEU B 151 -1.13 1.19 18.89
N VAL B 152 -1.68 0.89 17.72
CA VAL B 152 -2.96 1.40 17.25
C VAL B 152 -3.92 0.22 17.24
N LYS B 153 -4.82 0.15 18.21
CA LYS B 153 -5.63 -1.04 18.42
C LYS B 153 -7.10 -0.81 18.03
N ASP B 154 -7.70 -1.86 17.44
CA ASP B 154 -9.15 -2.10 17.36
C ASP B 154 -9.87 -1.02 16.55
N TYR B 155 -9.49 -0.93 15.28
CA TYR B 155 -10.14 0.04 14.39
C TYR B 155 -10.72 -0.67 13.17
N PHE B 156 -11.68 0.00 12.51
CA PHE B 156 -12.28 -0.50 11.28
C PHE B 156 -12.89 0.66 10.51
N PRO B 157 -12.77 0.69 9.17
CA PRO B 157 -11.96 -0.19 8.34
C PRO B 157 -10.51 0.30 8.29
N GLU B 158 -9.68 -0.37 7.51
CA GLU B 158 -8.41 0.20 7.11
C GLU B 158 -8.64 1.48 6.27
N PRO B 159 -7.64 2.38 6.20
CA PRO B 159 -6.32 2.35 6.79
C PRO B 159 -6.20 3.34 7.94
N VAL B 160 -5.15 3.12 8.72
CA VAL B 160 -4.64 4.12 9.65
C VAL B 160 -3.31 4.58 9.08
N THR B 161 -3.03 5.88 9.15
CA THR B 161 -1.70 6.34 8.79
C THR B 161 -1.05 6.91 10.04
N VAL B 162 0.26 6.75 10.13
CA VAL B 162 1.02 7.21 11.29
C VAL B 162 2.18 8.05 10.80
N SER B 163 2.28 9.25 11.35
CA SER B 163 3.50 10.02 11.19
C SER B 163 4.10 10.30 12.56
N TRP B 164 5.32 10.83 12.57
CA TRP B 164 6.00 11.13 13.82
C TRP B 164 6.39 12.60 13.83
N ASN B 165 6.10 13.26 14.94
CA ASN B 165 6.44 14.67 15.11
C ASN B 165 5.88 15.52 13.96
N SER B 166 4.61 15.25 13.61
CA SER B 166 3.86 15.97 12.57
C SER B 166 4.55 15.88 11.21
N GLY B 167 5.15 14.74 10.92
CA GLY B 167 5.81 14.53 9.65
C GLY B 167 7.26 14.94 9.60
N ALA B 168 7.77 15.63 10.62
CA ALA B 168 9.18 16.02 10.61
C ALA B 168 10.10 14.82 10.63
N LEU B 169 9.73 13.75 11.34
CA LEU B 169 10.60 12.61 11.57
C LEU B 169 10.15 11.44 10.69
N THR B 170 11.03 10.96 9.82
CA THR B 170 10.74 9.71 9.13
C THR B 170 11.95 8.80 8.92
N SER B 171 13.19 9.26 9.12
CA SER B 171 14.28 8.30 9.12
C SER B 171 14.07 7.36 10.30
N GLY B 172 14.21 6.06 10.01
CA GLY B 172 14.05 5.02 11.01
C GLY B 172 12.62 4.71 11.40
N VAL B 173 11.64 5.29 10.70
CA VAL B 173 10.24 4.97 10.94
C VAL B 173 9.87 3.70 10.18
N HIS B 174 9.26 2.76 10.89
CA HIS B 174 8.74 1.53 10.31
CA HIS B 174 8.74 1.53 10.31
C HIS B 174 7.31 1.36 10.79
N THR B 175 6.36 1.57 9.90
CA THR B 175 4.96 1.41 10.25
C THR B 175 4.51 0.10 9.63
N PHE B 176 4.10 -0.85 10.49
CA PHE B 176 3.92 -2.23 10.09
C PHE B 176 2.55 -2.43 9.47
N PRO B 177 2.44 -3.37 8.53
CA PRO B 177 1.13 -3.77 8.05
C PRO B 177 0.23 -4.19 9.20
N ALA B 178 -1.06 -3.92 9.04
CA ALA B 178 -2.06 -4.23 10.07
C ALA B 178 -2.30 -5.72 10.18
N VAL B 179 -2.66 -6.16 11.40
CA VAL B 179 -3.19 -7.50 11.63
C VAL B 179 -4.72 -7.42 11.69
N LEU B 180 -5.38 -8.40 11.05
CA LEU B 180 -6.83 -8.53 11.12
C LEU B 180 -7.15 -9.49 12.26
N GLN B 181 -7.78 -8.97 13.31
CA GLN B 181 -8.11 -9.80 14.45
C GLN B 181 -9.33 -10.66 14.12
N SER B 182 -9.50 -11.72 14.92
CA SER B 182 -10.67 -12.59 14.78
C SER B 182 -11.98 -11.87 15.04
N SER B 183 -11.97 -10.81 15.86
CA SER B 183 -13.14 -9.94 16.02
C SER B 183 -13.43 -9.06 14.81
N GLY B 184 -12.60 -9.11 13.77
CA GLY B 184 -12.86 -8.35 12.58
C GLY B 184 -12.36 -6.92 12.62
N LEU B 185 -11.68 -6.53 13.68
CA LEU B 185 -11.03 -5.23 13.81
C LEU B 185 -9.56 -5.37 13.48
N TYR B 186 -8.92 -4.25 13.14
CA TYR B 186 -7.50 -4.22 12.81
C TYR B 186 -6.71 -3.61 13.96
N SER B 187 -5.43 -3.99 14.03
CA SER B 187 -4.46 -3.31 14.87
C SER B 187 -3.17 -3.17 14.09
N LEU B 188 -2.41 -2.11 14.37
CA LEU B 188 -1.06 -2.03 13.84
C LEU B 188 -0.13 -1.38 14.85
N SER B 189 1.16 -1.40 14.55
CA SER B 189 2.16 -0.68 15.35
C SER B 189 3.04 0.14 14.43
N SER B 190 3.53 1.26 14.97
CA SER B 190 4.56 1.99 14.26
C SER B 190 5.70 2.18 15.25
N VAL B 191 6.93 1.91 14.80
CA VAL B 191 8.12 2.03 15.65
C VAL B 191 9.15 2.90 14.94
N VAL B 192 9.84 3.77 15.69
CA VAL B 192 10.93 4.54 15.14
C VAL B 192 12.17 4.27 15.99
N THR B 193 13.31 4.11 15.30
CA THR B 193 14.58 3.90 15.98
C THR B 193 15.30 5.24 16.00
N VAL B 194 15.69 5.69 17.19
CA VAL B 194 16.28 7.01 17.38
C VAL B 194 17.56 6.85 18.18
N PRO B 195 18.48 7.83 18.12
CA PRO B 195 19.64 7.76 18.99
C PRO B 195 19.20 7.76 20.45
N SER B 196 19.76 6.83 21.23
CA SER B 196 19.52 6.79 22.67
C SER B 196 19.83 8.13 23.34
N SER B 197 20.89 8.81 22.90
CA SER B 197 21.29 10.08 23.50
C SER B 197 20.24 11.17 23.28
N SER B 198 19.28 10.93 22.37
CA SER B 198 18.26 11.91 22.05
C SER B 198 17.11 11.88 23.07
N LEU B 199 16.90 10.75 23.73
CA LEU B 199 15.82 10.64 24.71
C LEU B 199 16.13 11.48 25.93
N GLY B 200 15.17 12.31 26.36
CA GLY B 200 15.39 13.26 27.43
C GLY B 200 15.48 14.70 26.97
N THR B 201 15.98 14.95 25.75
CA THR B 201 15.88 16.26 25.13
C THR B 201 14.92 16.31 23.96
N GLN B 202 14.79 15.25 23.18
CA GLN B 202 13.91 15.23 22.01
C GLN B 202 12.57 14.63 22.39
N THR B 203 11.50 15.34 22.04
CA THR B 203 10.13 14.86 22.20
C THR B 203 9.71 14.02 21.00
N TYR B 204 9.07 12.88 21.27
CA TYR B 204 8.56 12.00 20.23
C TYR B 204 7.06 11.83 20.41
N ILE B 205 6.32 12.17 19.36
CA ILE B 205 4.86 12.18 19.31
C ILE B 205 4.44 11.44 18.04
N CYS B 206 3.61 10.42 18.20
CA CYS B 206 3.03 9.75 17.03
C CYS B 206 1.66 10.32 16.71
N ASN B 207 1.42 10.55 15.44
CA ASN B 207 0.15 11.11 14.94
C ASN B 207 -0.54 10.01 14.16
N VAL B 208 -1.68 9.58 14.65
CA VAL B 208 -2.40 8.43 14.13
C VAL B 208 -3.69 8.96 13.49
N ASN B 209 -3.79 8.87 12.16
CA ASN B 209 -4.92 9.42 11.41
C ASN B 209 -5.79 8.25 10.99
N HIS B 210 -7.06 8.27 11.41
CA HIS B 210 -8.06 7.33 10.93
C HIS B 210 -9.10 8.15 10.20
N LYS B 211 -8.79 8.46 8.95
CA LYS B 211 -9.74 9.22 8.12
C LYS B 211 -11.11 8.60 8.03
N PRO B 212 -11.27 7.27 7.89
CA PRO B 212 -12.64 6.73 7.81
C PRO B 212 -13.54 7.12 8.96
N SER B 213 -12.99 7.39 10.15
CA SER B 213 -13.81 7.90 11.24
C SER B 213 -13.53 9.37 11.55
N ASN B 214 -12.84 10.07 10.66
CA ASN B 214 -12.52 11.50 10.81
C ASN B 214 -11.91 11.79 12.17
N THR B 215 -11.04 10.88 12.63
CA THR B 215 -10.42 11.00 13.95
C THR B 215 -8.92 10.96 13.85
N LYS B 216 -8.24 11.86 14.56
CA LYS B 216 -6.78 11.81 14.69
C LYS B 216 -6.38 11.83 16.16
N VAL B 217 -5.43 10.98 16.53
CA VAL B 217 -4.95 10.90 17.91
C VAL B 217 -3.45 11.11 17.89
N ASP B 218 -2.95 12.01 18.74
CA ASP B 218 -1.51 12.20 18.89
C ASP B 218 -1.09 11.77 20.29
N LYS B 219 0.00 11.03 20.36
CA LYS B 219 0.43 10.49 21.64
C LYS B 219 1.91 10.78 21.84
N LYS B 220 2.22 11.45 22.95
CA LYS B 220 3.61 11.68 23.34
C LYS B 220 4.15 10.40 23.98
N VAL B 221 5.28 9.92 23.49
CA VAL B 221 5.87 8.65 23.90
C VAL B 221 7.13 8.96 24.69
N GLU B 222 7.12 8.69 25.99
CA GLU B 222 8.23 9.10 26.84
C GLU B 222 8.90 7.89 27.48
N PRO B 223 10.16 8.04 27.92
CA PRO B 223 10.85 6.92 28.58
C PRO B 223 10.15 6.52 29.87
N LYS B 224 10.26 5.23 30.19
CA LYS B 224 9.64 4.67 31.39
C LYS B 224 10.30 5.23 32.64
C1 NAG C . -9.29 -9.35 -29.25
C2 NAG C . -10.40 -9.96 -30.10
C3 NAG C . -11.69 -9.87 -29.32
C4 NAG C . -11.44 -10.57 -28.01
C5 NAG C . -10.29 -9.92 -27.23
C6 NAG C . -10.04 -10.51 -25.87
C7 NAG C . -10.10 -9.79 -32.48
C8 NAG C . -10.29 -8.97 -33.72
N2 NAG C . -10.49 -9.23 -31.34
O3 NAG C . -12.72 -10.63 -29.94
O4 NAG C . -12.63 -10.44 -27.31
O5 NAG C . -9.14 -10.00 -28.03
O6 NAG C . -9.92 -11.93 -25.92
O7 NAG C . -9.62 -10.92 -32.53
C1 NAG C . -13.06 -11.70 -26.80
C2 NAG C . -14.10 -11.49 -25.72
C3 NAG C . -14.37 -12.82 -25.06
C4 NAG C . -14.90 -13.79 -26.16
C5 NAG C . -13.80 -13.87 -27.22
C6 NAG C . -13.96 -15.00 -28.24
C7 NAG C . -14.19 -9.25 -24.80
C8 NAG C . -15.23 -8.97 -25.84
N2 NAG C . -13.73 -10.46 -24.75
O3 NAG C . -15.10 -12.54 -23.85
O4 NAG C . -15.12 -15.16 -25.88
O5 NAG C . -13.54 -12.60 -27.78
O6 NAG C . -15.12 -14.81 -29.04
O7 NAG C . -13.77 -8.39 -24.08
C1 BMA C . -16.10 -15.38 -24.89
C2 BMA C . -17.13 -16.44 -25.18
C3 BMA C . -18.28 -16.16 -24.19
C4 BMA C . -17.71 -16.16 -22.77
C5 BMA C . -16.62 -15.12 -22.66
C6 BMA C . -16.00 -14.99 -21.27
O2 BMA C . -16.52 -17.71 -25.04
O3 BMA C . -19.32 -17.14 -24.33
O4 BMA C . -18.71 -15.74 -21.85
O5 BMA C . -15.58 -15.41 -23.58
O6 BMA C . -15.24 -13.79 -21.30
C1 GOL D . 12.99 -2.38 14.94
O1 GOL D . 13.64 -1.92 16.08
C2 GOL D . 13.33 -3.89 14.80
O2 GOL D . 14.12 -4.33 15.84
C3 GOL D . 11.97 -4.61 14.73
O3 GOL D . 11.28 -4.08 13.65
#